data_4IKT
#
_entry.id   4IKT
#
_cell.length_a   47.185
_cell.length_b   77.372
_cell.length_c   47.690
_cell.angle_alpha   90.00
_cell.angle_beta   91.73
_cell.angle_gamma   90.00
#
_symmetry.space_group_name_H-M   'P 1 21 1'
#
loop_
_entity.id
_entity.type
_entity.pdbx_description
1 polymer 'Methionine aminopeptidase 1'
2 non-polymer "N-[5-chloro-6-methyl-2-(pyridin-2-yl)pyrimidin-4-yl]-N'-[5-(trifluoromethyl)pyridin-2-yl]ethane-1,2-diamine"
3 non-polymer 'COBALT (II) ION'
4 non-polymer 'POTASSIUM ION'
5 non-polymer GLYCEROL
6 water water
#
_entity_poly.entity_id   1
_entity_poly.type   'polypeptide(L)'
_entity_poly.pdbx_seq_one_letter_code
;MGSSHHHHHHSSGLVPRGSHMLEDPYRYTGKLRPHYPLMPTRPVPSYIQRPDYADHPLGMSESEQALKGTSQIKLLSSED
IEGMRLVCRLAREVLDVAAGMIKPGVTTEEIDHAVHLACIARNCYPSPLNYYNFPKSCCTSVNEVICHGIPDRRPLQEGD
IVNVDITLYRNGYHGDLNETFFVGEVDDGARKLVQTTYECLMQAIDAVKPGVRYRELGNIIQKHAQANGFSVVRSYCGHG
IHKLFHTAPNVPHYAKNKAVGVMKSGHVFTIEPMICEGGWQDETWPDGWTAVTRDGKRSAQFEHTLLVTDTGCEILTRRL
DSARPHFMS
;
_entity_poly.pdbx_strand_id   A
#
loop_
_chem_comp.id
_chem_comp.type
_chem_comp.name
_chem_comp.formula
CO non-polymer 'COBALT (II) ION' 'Co 2'
GOL non-polymer GLYCEROL 'C3 H8 O3'
K non-polymer 'POTASSIUM ION' 'K 1'
TFV non-polymer N-[5-chloro-6-methyl-2-(pyridin-2-yl)pyrimidin-4-yl]-N'-[5-(trifluoromethyl)pyridin-2-yl]ethane-1,2-diamine 'C18 H16 Cl F3 N6'
#
# COMPACT_ATOMS: atom_id res chain seq x y z
N TYR A 26 24.16 -4.15 -12.15
CA TYR A 26 23.38 -3.17 -11.34
C TYR A 26 24.13 -2.73 -10.08
N ARG A 27 24.13 -1.43 -9.82
CA ARG A 27 24.72 -0.89 -8.61
C ARG A 27 23.62 -0.59 -7.60
N TYR A 28 23.61 -1.31 -6.49
CA TYR A 28 22.58 -1.11 -5.46
C TYR A 28 22.78 0.23 -4.77
N THR A 29 21.66 0.87 -4.39
CA THR A 29 21.71 2.22 -3.86
C THR A 29 21.99 2.29 -2.35
N GLY A 30 21.87 1.16 -1.66
CA GLY A 30 22.09 1.07 -0.22
C GLY A 30 22.58 -0.30 0.17
N LYS A 31 22.31 -0.69 1.41
CA LYS A 31 22.82 -1.95 1.96
C LYS A 31 22.00 -3.19 1.61
N LEU A 32 20.69 -3.02 1.40
CA LEU A 32 19.81 -4.14 1.09
C LEU A 32 20.16 -4.83 -0.23
N ARG A 33 20.05 -6.16 -0.23
CA ARG A 33 20.17 -6.96 -1.46
C ARG A 33 19.01 -7.93 -1.49
N PRO A 34 18.60 -8.37 -2.71
CA PRO A 34 17.60 -9.45 -2.77
C PRO A 34 18.23 -10.75 -2.29
N HIS A 35 17.42 -11.59 -1.65
CA HIS A 35 17.88 -12.86 -1.11
C HIS A 35 17.14 -14.00 -1.77
N TYR A 36 17.76 -14.56 -2.79
CA TYR A 36 17.18 -15.61 -3.62
C TYR A 36 17.69 -17.01 -3.18
N PRO A 37 17.07 -18.10 -3.70
CA PRO A 37 15.91 -18.10 -4.59
C PRO A 37 14.61 -17.83 -3.83
N LEU A 38 13.56 -17.47 -4.57
CA LEU A 38 12.21 -17.35 -4.00
C LEU A 38 11.60 -18.73 -4.07
N MET A 39 10.88 -19.13 -3.01
CA MET A 39 10.03 -20.34 -3.05
C MET A 39 9.07 -20.29 -4.27
N PRO A 40 8.72 -21.46 -4.84
CA PRO A 40 7.84 -21.49 -6.02
C PRO A 40 6.52 -20.73 -5.75
N THR A 41 5.91 -20.13 -6.76
CA THR A 41 4.66 -19.39 -6.53
C THR A 41 3.69 -20.23 -5.68
N ARG A 42 2.99 -19.56 -4.76
CA ARG A 42 2.05 -20.24 -3.87
C ARG A 42 0.70 -20.33 -4.54
N PRO A 43 0.08 -21.53 -4.58
CA PRO A 43 -1.20 -21.66 -5.27
C PRO A 43 -2.36 -21.13 -4.42
N VAL A 44 -3.41 -20.67 -5.09
CA VAL A 44 -4.65 -20.31 -4.41
C VAL A 44 -5.71 -21.35 -4.79
N PRO A 45 -6.26 -22.06 -3.78
CA PRO A 45 -7.27 -23.09 -4.11
C PRO A 45 -8.34 -22.55 -5.05
N SER A 46 -8.76 -23.42 -5.97
CA SER A 46 -9.73 -23.05 -7.00
C SER A 46 -11.05 -22.50 -6.50
N TYR A 47 -11.42 -22.77 -5.25
CA TYR A 47 -12.72 -22.27 -4.75
C TYR A 47 -12.77 -20.78 -4.47
N ILE A 48 -11.59 -20.16 -4.34
CA ILE A 48 -11.48 -18.71 -4.16
C ILE A 48 -11.64 -17.98 -5.48
N GLN A 49 -12.53 -17.00 -5.47
CA GLN A 49 -12.85 -16.23 -6.66
C GLN A 49 -11.59 -15.45 -7.05
N ARG A 50 -11.23 -15.49 -8.33
CA ARG A 50 -10.01 -14.86 -8.82
C ARG A 50 -10.31 -13.61 -9.64
N PRO A 51 -9.44 -12.59 -9.57
CA PRO A 51 -9.56 -11.44 -10.46
C PRO A 51 -9.14 -11.85 -11.89
N ASP A 52 -9.51 -11.05 -12.87
CA ASP A 52 -9.22 -11.40 -14.28
C ASP A 52 -7.74 -11.69 -14.55
N TYR A 53 -6.84 -10.85 -14.03
CA TYR A 53 -5.40 -11.02 -14.21
C TYR A 53 -4.77 -12.27 -13.59
N ALA A 54 -5.48 -12.91 -12.64
CA ALA A 54 -4.94 -14.09 -11.96
C ALA A 54 -4.48 -15.19 -12.94
N ASP A 55 -5.19 -15.34 -14.05
CA ASP A 55 -4.89 -16.39 -15.03
C ASP A 55 -4.34 -15.90 -16.36
N HIS A 56 -4.16 -14.59 -16.50
CA HIS A 56 -3.52 -14.02 -17.68
C HIS A 56 -2.02 -14.36 -17.59
N PRO A 57 -1.40 -14.81 -18.71
CA PRO A 57 0.01 -15.21 -18.65
C PRO A 57 1.01 -14.10 -18.25
N LEU A 58 0.69 -12.84 -18.54
CA LEU A 58 1.55 -11.72 -18.14
C LEU A 58 0.94 -10.96 -16.99
N GLY A 59 -0.14 -11.53 -16.42
CA GLY A 59 -0.84 -10.92 -15.29
C GLY A 59 -1.52 -9.61 -15.61
N MET A 60 -1.87 -9.40 -16.89
CA MET A 60 -2.54 -8.17 -17.31
C MET A 60 -4.01 -8.21 -16.98
N SER A 61 -4.57 -7.05 -16.65
CA SER A 61 -5.98 -6.99 -16.28
C SER A 61 -6.82 -6.39 -17.39
N GLU A 62 -7.66 -7.22 -17.98
CA GLU A 62 -8.56 -6.83 -19.08
C GLU A 62 -9.42 -5.62 -18.70
N SER A 63 -10.14 -5.76 -17.59
CA SER A 63 -11.04 -4.73 -17.11
C SER A 63 -10.34 -3.40 -16.76
N GLU A 64 -9.09 -3.48 -16.30
CA GLU A 64 -8.29 -2.27 -16.04
C GLU A 64 -7.79 -1.61 -17.33
N GLN A 65 -7.35 -2.43 -18.27
CA GLN A 65 -6.86 -1.90 -19.55
C GLN A 65 -7.96 -1.24 -20.39
N ALA A 66 -9.16 -1.82 -20.34
CA ALA A 66 -10.36 -1.24 -20.95
C ALA A 66 -10.66 0.17 -20.47
N LEU A 67 -10.05 0.57 -19.35
CA LEU A 67 -10.26 1.92 -18.80
C LEU A 67 -9.01 2.79 -18.79
N LYS A 68 -7.90 2.25 -19.32
CA LYS A 68 -6.62 2.93 -19.40
C LYS A 68 -6.75 4.34 -19.99
N GLY A 69 -6.25 5.33 -19.27
CA GLY A 69 -6.24 6.71 -19.77
C GLY A 69 -7.53 7.50 -19.55
N THR A 70 -8.55 6.85 -18.99
CA THR A 70 -9.81 7.53 -18.62
C THR A 70 -9.70 8.14 -17.22
N SER A 71 -10.38 9.25 -17.00
CA SER A 71 -10.26 9.97 -15.73
C SER A 71 -11.57 10.00 -14.93
N GLN A 72 -12.62 9.42 -15.49
CA GLN A 72 -13.92 9.34 -14.83
C GLN A 72 -13.88 8.42 -13.60
N ILE A 73 -14.53 8.85 -12.52
CA ILE A 73 -14.51 8.10 -11.25
C ILE A 73 -15.85 7.42 -10.94
N LYS A 74 -15.81 6.11 -10.68
CA LYS A 74 -17.00 5.36 -10.32
C LYS A 74 -17.72 5.95 -9.10
N LEU A 75 -19.04 5.90 -9.13
CA LEU A 75 -19.87 6.24 -7.98
C LEU A 75 -20.51 4.95 -7.51
N LEU A 76 -20.05 4.46 -6.36
CA LEU A 76 -20.43 3.14 -5.87
C LEU A 76 -21.88 3.08 -5.40
N SER A 77 -22.51 1.93 -5.65
CA SER A 77 -23.85 1.63 -5.16
C SER A 77 -23.78 1.10 -3.73
N SER A 78 -24.93 0.95 -3.09
CA SER A 78 -24.99 0.41 -1.73
C SER A 78 -24.43 -1.01 -1.67
N GLU A 79 -24.63 -1.77 -2.76
CA GLU A 79 -24.10 -3.11 -2.88
C GLU A 79 -22.56 -3.06 -2.96
N ASP A 80 -22.06 -2.09 -3.73
CA ASP A 80 -20.62 -1.87 -3.90
C ASP A 80 -19.99 -1.49 -2.56
N ILE A 81 -20.62 -0.55 -1.87
CA ILE A 81 -20.13 -0.07 -0.57
C ILE A 81 -20.09 -1.21 0.45
N GLU A 82 -21.13 -2.04 0.46
CA GLU A 82 -21.10 -3.21 1.33
C GLU A 82 -19.94 -4.14 1.00
N GLY A 83 -19.71 -4.36 -0.29
CA GLY A 83 -18.66 -5.26 -0.74
C GLY A 83 -17.28 -4.69 -0.37
N MET A 84 -17.18 -3.38 -0.50
CA MET A 84 -15.95 -2.67 -0.11
C MET A 84 -15.69 -2.67 1.40
N ARG A 85 -16.75 -2.42 2.19
CA ARG A 85 -16.62 -2.54 3.64
C ARG A 85 -16.14 -3.91 4.07
N LEU A 86 -16.70 -4.96 3.46
CA LEU A 86 -16.30 -6.33 3.79
C LEU A 86 -14.81 -6.61 3.45
N VAL A 87 -14.42 -6.37 2.22
CA VAL A 87 -13.06 -6.73 1.80
C VAL A 87 -12.01 -5.87 2.55
N CYS A 88 -12.34 -4.60 2.82
CA CYS A 88 -11.43 -3.71 3.58
C CYS A 88 -11.26 -4.18 5.01
N ARG A 89 -12.35 -4.64 5.63
CA ARG A 89 -12.25 -5.23 6.96
C ARG A 89 -11.36 -6.48 6.99
N LEU A 90 -11.53 -7.36 5.99
CA LEU A 90 -10.74 -8.58 5.92
C LEU A 90 -9.26 -8.26 5.66
N ALA A 91 -9.03 -7.26 4.83
CA ALA A 91 -7.69 -6.83 4.53
C ALA A 91 -7.01 -6.33 5.79
N ARG A 92 -7.74 -5.53 6.56
CA ARG A 92 -7.19 -5.07 7.84
C ARG A 92 -6.85 -6.27 8.73
N GLU A 93 -7.73 -7.27 8.78
CA GLU A 93 -7.42 -8.48 9.55
C GLU A 93 -6.10 -9.12 9.14
N VAL A 94 -5.86 -9.19 7.83
CA VAL A 94 -4.64 -9.81 7.30
C VAL A 94 -3.41 -8.96 7.59
N LEU A 95 -3.54 -7.64 7.54
CA LEU A 95 -2.42 -6.79 7.89
C LEU A 95 -2.05 -6.98 9.39
N ASP A 96 -3.06 -7.12 10.24
CA ASP A 96 -2.78 -7.34 11.69
C ASP A 96 -2.09 -8.66 11.91
N VAL A 97 -2.42 -9.67 11.08
CA VAL A 97 -1.67 -10.94 11.10
C VAL A 97 -0.17 -10.69 10.84
N ALA A 98 0.16 -9.93 9.80
CA ALA A 98 1.55 -9.62 9.45
C ALA A 98 2.26 -8.85 10.57
N ALA A 99 1.55 -7.85 11.11
CA ALA A 99 2.04 -7.05 12.23
C ALA A 99 2.55 -7.91 13.40
N GLY A 100 1.79 -8.95 13.75
CA GLY A 100 2.14 -9.83 14.86
C GLY A 100 3.40 -10.66 14.64
N MET A 101 3.93 -10.63 13.42
CA MET A 101 5.09 -11.44 13.03
C MET A 101 6.39 -10.68 12.90
N ILE A 102 6.29 -9.35 12.94
CA ILE A 102 7.46 -8.48 12.80
C ILE A 102 8.37 -8.59 14.00
N LYS A 103 9.44 -9.37 13.85
CA LYS A 103 10.50 -9.42 14.85
C LYS A 103 11.82 -9.71 14.16
N PRO A 104 12.96 -9.42 14.82
CA PRO A 104 14.23 -9.82 14.22
C PRO A 104 14.26 -11.30 13.84
N GLY A 105 14.86 -11.61 12.69
CA GLY A 105 15.09 -12.99 12.28
C GLY A 105 14.00 -13.64 11.45
N VAL A 106 12.79 -13.09 11.50
CA VAL A 106 11.71 -13.53 10.61
C VAL A 106 11.99 -13.02 9.18
N THR A 107 11.89 -13.89 8.19
CA THR A 107 12.14 -13.43 6.80
C THR A 107 10.86 -12.83 6.23
N THR A 108 11.00 -11.99 5.21
CA THR A 108 9.81 -11.41 4.57
C THR A 108 9.04 -12.49 3.85
N GLU A 109 9.73 -13.54 3.38
CA GLU A 109 8.99 -14.67 2.81
C GLU A 109 8.04 -15.34 3.79
N GLU A 110 8.49 -15.45 5.05
CA GLU A 110 7.67 -16.03 6.11
C GLU A 110 6.44 -15.16 6.35
N ILE A 111 6.60 -13.84 6.30
CA ILE A 111 5.46 -12.93 6.43
C ILE A 111 4.48 -13.13 5.29
N ASP A 112 5.01 -13.23 4.07
CA ASP A 112 4.18 -13.44 2.93
C ASP A 112 3.39 -14.76 3.00
N HIS A 113 4.02 -15.81 3.54
CA HIS A 113 3.36 -17.12 3.68
C HIS A 113 2.16 -17.03 4.62
N ALA A 114 2.37 -16.40 5.76
CA ALA A 114 1.31 -16.16 6.74
C ALA A 114 0.20 -15.32 6.13
N VAL A 115 0.60 -14.28 5.40
CA VAL A 115 -0.36 -13.45 4.69
C VAL A 115 -1.19 -14.25 3.68
N HIS A 116 -0.51 -15.04 2.88
CA HIS A 116 -1.15 -15.86 1.86
C HIS A 116 -2.22 -16.77 2.49
N LEU A 117 -1.83 -17.47 3.54
CA LEU A 117 -2.76 -18.37 4.24
C LEU A 117 -3.90 -17.64 4.91
N ALA A 118 -3.64 -16.44 5.44
CA ALA A 118 -4.69 -15.63 6.07
C ALA A 118 -5.71 -15.11 5.07
N CYS A 119 -5.27 -14.80 3.84
CA CYS A 119 -6.21 -14.42 2.77
C CYS A 119 -7.11 -15.62 2.44
N ILE A 120 -6.50 -16.77 2.27
CA ILE A 120 -7.24 -17.97 1.83
C ILE A 120 -8.29 -18.36 2.89
N ALA A 121 -7.89 -18.27 4.15
CA ALA A 121 -8.78 -18.53 5.31
C ALA A 121 -10.00 -17.61 5.38
N ARG A 122 -9.86 -16.41 4.79
CA ARG A 122 -10.97 -15.46 4.68
C ARG A 122 -11.65 -15.49 3.34
N ASN A 123 -11.37 -16.55 2.56
CA ASN A 123 -12.00 -16.72 1.25
C ASN A 123 -11.73 -15.54 0.34
N CYS A 124 -10.49 -15.06 0.43
CA CYS A 124 -10.01 -13.94 -0.36
C CYS A 124 -8.79 -14.35 -1.20
N TYR A 125 -8.72 -13.77 -2.38
CA TYR A 125 -7.54 -13.86 -3.22
C TYR A 125 -6.55 -12.72 -2.86
N PRO A 126 -5.24 -13.04 -2.74
CA PRO A 126 -4.28 -11.94 -2.45
C PRO A 126 -3.98 -11.17 -3.73
N SER A 127 -4.57 -9.98 -3.82
CA SER A 127 -4.54 -9.19 -5.07
C SER A 127 -3.19 -9.04 -5.75
N PRO A 128 -2.08 -8.83 -4.99
CA PRO A 128 -0.78 -8.68 -5.65
C PRO A 128 -0.31 -9.91 -6.43
N LEU A 129 -0.82 -11.09 -6.05
CA LEU A 129 -0.35 -12.35 -6.64
C LEU A 129 -0.64 -12.46 -8.15
N ASN A 130 0.44 -12.48 -8.94
CA ASN A 130 0.36 -12.47 -10.40
C ASN A 130 -0.18 -11.19 -11.04
N TYR A 131 -0.40 -10.14 -10.24
CA TYR A 131 -0.72 -8.84 -10.78
C TYR A 131 0.47 -8.31 -11.59
N TYR A 132 0.30 -8.27 -12.92
CA TYR A 132 1.44 -8.00 -13.81
C TYR A 132 2.66 -8.87 -13.47
N ASN A 133 2.39 -10.14 -13.14
CA ASN A 133 3.41 -11.14 -12.79
C ASN A 133 4.17 -10.89 -11.50
N PHE A 134 3.66 -9.99 -10.66
CA PHE A 134 4.23 -9.84 -9.32
C PHE A 134 4.18 -11.24 -8.67
N PRO A 135 5.32 -11.70 -8.13
CA PRO A 135 5.47 -13.12 -7.74
C PRO A 135 4.98 -13.52 -6.35
N LYS A 136 4.57 -12.54 -5.55
CA LYS A 136 4.17 -12.84 -4.17
C LYS A 136 2.77 -12.29 -3.85
N SER A 137 2.30 -12.48 -2.61
CA SER A 137 0.94 -12.16 -2.21
C SER A 137 0.83 -10.86 -1.44
N CYS A 138 1.96 -10.23 -1.14
CA CYS A 138 1.99 -8.88 -0.54
C CYS A 138 3.34 -8.26 -0.88
N CYS A 139 3.46 -6.97 -0.62
CA CYS A 139 4.75 -6.28 -0.78
C CYS A 139 5.40 -5.96 0.55
N THR A 140 6.69 -6.26 0.67
CA THR A 140 7.44 -6.03 1.93
C THR A 140 8.63 -5.15 1.61
N SER A 141 8.63 -3.95 2.18
CA SER A 141 9.55 -2.89 1.78
C SER A 141 10.38 -2.44 2.97
N VAL A 142 11.60 -2.97 3.03
CA VAL A 142 12.53 -2.69 4.13
C VAL A 142 13.39 -1.47 3.83
N ASN A 143 13.53 -0.59 4.83
CA ASN A 143 14.47 0.56 4.78
C ASN A 143 14.39 1.42 3.51
N GLU A 144 15.42 1.37 2.64
CA GLU A 144 15.45 2.19 1.42
C GLU A 144 14.47 1.77 0.33
N VAL A 145 13.82 0.63 0.49
CA VAL A 145 12.79 0.24 -0.47
C VAL A 145 11.55 1.13 -0.23
N ILE A 146 11.14 1.85 -1.28
CA ILE A 146 10.01 2.76 -1.23
C ILE A 146 8.70 1.99 -1.23
N CYS A 147 8.61 1.04 -2.16
CA CYS A 147 7.41 0.20 -2.29
C CYS A 147 7.73 -0.98 -3.17
N HIS A 148 6.82 -1.95 -3.21
CA HIS A 148 6.89 -3.09 -4.13
C HIS A 148 8.06 -4.03 -3.89
N GLY A 149 8.61 -3.99 -2.68
CA GLY A 149 9.59 -5.01 -2.27
C GLY A 149 9.00 -6.40 -2.39
N ILE A 150 9.81 -7.34 -2.87
CA ILE A 150 9.33 -8.73 -3.08
C ILE A 150 9.78 -9.54 -1.85
N PRO A 151 8.84 -10.13 -1.12
CA PRO A 151 9.20 -10.98 0.03
C PRO A 151 10.25 -12.02 -0.40
N ASP A 152 11.29 -12.19 0.41
CA ASP A 152 12.42 -13.07 0.03
C ASP A 152 13.07 -13.70 1.28
N ARG A 153 14.28 -14.27 1.14
CA ARG A 153 14.86 -15.03 2.25
C ARG A 153 15.59 -14.19 3.31
N ARG A 154 15.62 -12.86 3.16
CA ARG A 154 16.29 -12.02 4.15
C ARG A 154 15.56 -12.00 5.50
N PRO A 155 16.26 -12.41 6.59
CA PRO A 155 15.65 -12.23 7.90
C PRO A 155 15.66 -10.75 8.28
N LEU A 156 14.59 -10.27 8.88
CA LEU A 156 14.57 -8.89 9.38
C LEU A 156 15.65 -8.70 10.45
N GLN A 157 16.23 -7.52 10.45
CA GLN A 157 17.26 -7.15 11.40
C GLN A 157 16.77 -6.08 12.36
N GLU A 158 17.17 -6.18 13.63
CA GLU A 158 16.91 -5.15 14.64
C GLU A 158 17.36 -3.80 14.09
N GLY A 159 16.52 -2.77 14.23
CA GLY A 159 16.82 -1.47 13.65
C GLY A 159 16.11 -1.22 12.32
N ASP A 160 15.75 -2.30 11.62
CA ASP A 160 15.00 -2.20 10.35
C ASP A 160 13.66 -1.52 10.54
N ILE A 161 13.19 -0.84 9.49
CA ILE A 161 11.78 -0.50 9.36
C ILE A 161 11.26 -1.26 8.15
N VAL A 162 10.02 -1.71 8.23
CA VAL A 162 9.45 -2.51 7.16
C VAL A 162 7.96 -2.21 6.97
N ASN A 163 7.62 -1.88 5.74
CA ASN A 163 6.25 -1.72 5.32
C ASN A 163 5.71 -3.05 4.76
N VAL A 164 4.48 -3.40 5.16
CA VAL A 164 3.77 -4.51 4.52
C VAL A 164 2.51 -3.92 3.88
N ASP A 165 2.40 -4.14 2.58
CA ASP A 165 1.25 -3.62 1.82
C ASP A 165 0.37 -4.81 1.39
N ILE A 166 -0.88 -4.75 1.81
CA ILE A 166 -1.82 -5.87 1.72
C ILE A 166 -2.92 -5.42 0.80
N THR A 167 -3.31 -6.30 -0.12
CA THR A 167 -4.58 -6.05 -0.82
C THR A 167 -5.30 -7.40 -1.01
N LEU A 168 -6.57 -7.41 -0.66
CA LEU A 168 -7.42 -8.62 -0.82
C LEU A 168 -8.52 -8.42 -1.84
N TYR A 169 -8.96 -9.54 -2.40
CA TYR A 169 -10.01 -9.55 -3.40
C TYR A 169 -11.10 -10.52 -2.97
N ARG A 170 -12.33 -10.01 -2.89
CA ARG A 170 -13.45 -10.82 -2.42
C ARG A 170 -14.70 -10.40 -3.17
N ASN A 171 -15.35 -11.37 -3.84
CA ASN A 171 -16.66 -11.12 -4.46
C ASN A 171 -16.62 -9.94 -5.42
N GLY A 172 -15.50 -9.78 -6.13
CA GLY A 172 -15.38 -8.73 -7.11
C GLY A 172 -14.77 -7.40 -6.66
N TYR A 173 -14.39 -7.29 -5.38
CA TYR A 173 -13.90 -6.02 -4.81
C TYR A 173 -12.53 -6.18 -4.19
N HIS A 174 -11.69 -5.15 -4.35
CA HIS A 174 -10.36 -5.13 -3.74
C HIS A 174 -10.32 -4.16 -2.55
N GLY A 175 -9.59 -4.53 -1.49
CA GLY A 175 -9.36 -3.62 -0.34
C GLY A 175 -7.89 -3.58 0.01
N ASP A 176 -7.38 -2.39 0.29
CA ASP A 176 -5.95 -2.09 0.15
C ASP A 176 -5.50 -1.26 1.36
N LEU A 177 -4.51 -1.75 2.09
CA LEU A 177 -3.91 -0.91 3.13
C LEU A 177 -2.46 -1.28 3.38
N ASN A 178 -1.73 -0.37 4.02
CA ASN A 178 -0.36 -0.71 4.42
C ASN A 178 0.07 0.06 5.67
N GLU A 179 1.02 -0.50 6.39
CA GLU A 179 1.64 0.20 7.53
C GLU A 179 3.13 -0.08 7.53
N THR A 180 3.89 0.86 8.09
CA THR A 180 5.31 0.62 8.35
C THR A 180 5.46 0.25 9.83
N PHE A 181 6.33 -0.73 10.07
CA PHE A 181 6.60 -1.32 11.37
C PHE A 181 8.08 -1.17 11.75
N PHE A 182 8.31 -1.16 13.06
CA PHE A 182 9.66 -1.16 13.61
C PHE A 182 10.06 -2.61 13.88
N VAL A 183 11.33 -2.93 13.59
CA VAL A 183 11.85 -4.26 13.91
C VAL A 183 12.75 -4.09 15.12
N GLY A 184 12.28 -4.62 16.26
CA GLY A 184 12.93 -4.38 17.54
C GLY A 184 13.07 -2.89 17.80
N GLU A 185 14.16 -2.49 18.43
CA GLU A 185 14.41 -1.09 18.74
C GLU A 185 15.08 -0.40 17.56
N VAL A 186 14.57 0.78 17.21
CA VAL A 186 15.04 1.55 16.05
C VAL A 186 15.62 2.90 16.49
N ASP A 187 16.36 3.56 15.61
CA ASP A 187 16.95 4.85 15.95
C ASP A 187 15.96 6.01 15.84
N ASP A 188 16.36 7.18 16.36
CA ASP A 188 15.49 8.36 16.38
C ASP A 188 15.01 8.81 15.00
N GLY A 189 15.89 8.73 14.01
CA GLY A 189 15.56 9.07 12.63
C GLY A 189 14.43 8.19 12.10
N ALA A 190 14.52 6.90 12.37
CA ALA A 190 13.46 5.96 11.98
C ALA A 190 12.13 6.32 12.64
N ARG A 191 12.15 6.60 13.95
CA ARG A 191 10.94 7.01 14.67
C ARG A 191 10.30 8.26 14.06
N LYS A 192 11.11 9.28 13.78
CA LYS A 192 10.64 10.53 13.19
C LYS A 192 10.10 10.35 11.78
N LEU A 193 10.77 9.52 10.97
CA LEU A 193 10.32 9.28 9.60
C LEU A 193 8.96 8.59 9.66
N VAL A 194 8.87 7.51 10.43
CA VAL A 194 7.63 6.72 10.47
C VAL A 194 6.47 7.56 11.05
N GLN A 195 6.72 8.25 12.17
CA GLN A 195 5.71 9.11 12.79
C GLN A 195 5.24 10.18 11.81
N THR A 196 6.17 10.86 11.13
CA THR A 196 5.80 11.91 10.20
C THR A 196 4.97 11.41 9.02
N THR A 197 5.36 10.26 8.44
CA THR A 197 4.61 9.68 7.31
C THR A 197 3.17 9.40 7.71
N TYR A 198 2.99 8.86 8.91
CA TYR A 198 1.63 8.54 9.41
C TYR A 198 0.80 9.82 9.56
N GLU A 199 1.42 10.83 10.17
CA GLU A 199 0.82 12.17 10.27
C GLU A 199 0.45 12.74 8.90
N CYS A 200 1.33 12.63 7.90
CA CYS A 200 0.98 13.05 6.53
C CYS A 200 -0.28 12.36 6.02
N LEU A 201 -0.33 11.05 6.20
CA LEU A 201 -1.52 10.34 5.79
C LEU A 201 -2.78 10.86 6.51
N MET A 202 -2.70 11.02 7.82
CA MET A 202 -3.89 11.37 8.61
C MET A 202 -4.33 12.81 8.31
N GLN A 203 -3.39 13.69 8.04
CA GLN A 203 -3.75 15.07 7.69
C GLN A 203 -4.43 15.13 6.34
N ALA A 204 -3.95 14.33 5.40
CA ALA A 204 -4.66 14.16 4.12
C ALA A 204 -6.10 13.62 4.27
N ILE A 205 -6.28 12.54 5.05
CA ILE A 205 -7.59 11.92 5.25
C ILE A 205 -8.59 12.92 5.85
N ASP A 206 -8.08 13.75 6.75
CA ASP A 206 -8.86 14.77 7.44
C ASP A 206 -9.41 15.83 6.52
N ALA A 207 -8.77 16.03 5.37
CA ALA A 207 -9.24 17.02 4.38
C ALA A 207 -10.25 16.43 3.39
N VAL A 208 -10.41 15.10 3.41
CA VAL A 208 -11.32 14.42 2.49
C VAL A 208 -12.79 14.66 2.82
N LYS A 209 -13.50 15.21 1.84
CA LYS A 209 -14.95 15.42 1.92
C LYS A 209 -15.41 15.83 0.51
N PRO A 210 -16.71 15.67 0.20
CA PRO A 210 -17.17 16.09 -1.13
C PRO A 210 -16.77 17.53 -1.44
N GLY A 211 -16.44 17.78 -2.70
CA GLY A 211 -16.08 19.13 -3.16
C GLY A 211 -14.60 19.46 -3.15
N VAL A 212 -13.80 18.62 -2.47
CA VAL A 212 -12.37 18.82 -2.43
C VAL A 212 -11.72 18.21 -3.70
N ARG A 213 -10.77 18.94 -4.25
CA ARG A 213 -10.06 18.47 -5.45
C ARG A 213 -9.05 17.41 -5.03
N TYR A 214 -8.90 16.35 -5.83
CA TYR A 214 -7.86 15.35 -5.51
C TYR A 214 -6.45 15.93 -5.44
N ARG A 215 -6.20 16.95 -6.26
CA ARG A 215 -4.87 17.54 -6.29
C ARG A 215 -4.47 18.26 -4.99
N GLU A 216 -5.44 18.53 -4.11
CA GLU A 216 -5.16 19.25 -2.86
C GLU A 216 -4.40 18.38 -1.84
N LEU A 217 -4.64 17.07 -1.87
CA LEU A 217 -4.04 16.18 -0.86
C LEU A 217 -2.51 16.25 -0.85
N GLY A 218 -1.91 16.30 -2.05
CA GLY A 218 -0.46 16.46 -2.19
C GLY A 218 0.08 17.73 -1.57
N ASN A 219 -0.67 18.83 -1.69
CA ASN A 219 -0.28 20.06 -1.01
C ASN A 219 -0.16 19.82 0.49
N ILE A 220 -1.12 19.12 1.07
CA ILE A 220 -1.13 18.88 2.52
C ILE A 220 0.02 17.95 2.93
N ILE A 221 0.21 16.88 2.17
CA ILE A 221 1.22 15.89 2.54
C ILE A 221 2.60 16.50 2.48
N GLN A 222 2.93 17.15 1.35
CA GLN A 222 4.28 17.74 1.19
C GLN A 222 4.54 18.83 2.22
N LYS A 223 3.50 19.62 2.53
CA LYS A 223 3.66 20.66 3.55
C LYS A 223 4.15 20.07 4.86
N HIS A 224 3.53 18.99 5.34
CA HIS A 224 4.00 18.34 6.59
C HIS A 224 5.37 17.65 6.49
N ALA A 225 5.62 16.91 5.40
CA ALA A 225 6.89 16.20 5.22
C ALA A 225 8.05 17.20 5.11
N GLN A 226 7.86 18.23 4.28
CA GLN A 226 8.89 19.26 4.07
C GLN A 226 9.21 19.98 5.38
N ALA A 227 8.19 20.21 6.21
CA ALA A 227 8.40 20.84 7.53
C ALA A 227 9.24 19.99 8.46
N ASN A 228 9.30 18.69 8.19
CA ASN A 228 10.06 17.77 9.02
C ASN A 228 11.35 17.31 8.35
N GLY A 229 11.71 17.97 7.26
CA GLY A 229 12.98 17.71 6.60
C GLY A 229 12.96 16.46 5.73
N PHE A 230 11.76 16.02 5.37
CA PHE A 230 11.61 14.84 4.50
C PHE A 230 11.08 15.20 3.11
N SER A 231 11.29 14.29 2.16
CA SER A 231 10.87 14.48 0.79
C SER A 231 9.74 13.51 0.43
N VAL A 232 9.04 13.77 -0.67
CA VAL A 232 7.83 13.04 -1.07
C VAL A 232 8.03 12.34 -2.42
N VAL A 233 8.02 11.02 -2.42
CA VAL A 233 8.07 10.26 -3.67
C VAL A 233 7.07 10.75 -4.70
N ARG A 234 7.53 10.88 -5.96
CA ARG A 234 6.74 11.37 -7.07
C ARG A 234 6.22 10.35 -8.06
N SER A 235 6.87 9.19 -8.13
CA SER A 235 6.59 8.25 -9.23
C SER A 235 5.43 7.32 -8.94
N TYR A 236 5.03 7.25 -7.67
CA TYR A 236 3.97 6.34 -7.22
C TYR A 236 2.91 7.18 -6.51
N CYS A 237 1.63 6.85 -6.76
CA CYS A 237 0.50 7.65 -6.26
C CYS A 237 -0.59 6.77 -5.64
N GLY A 238 -1.51 7.41 -4.93
CA GLY A 238 -2.76 6.77 -4.49
C GLY A 238 -3.62 6.52 -5.70
N HIS A 239 -4.73 5.80 -5.53
CA HIS A 239 -5.53 5.33 -6.65
C HIS A 239 -6.95 4.95 -6.26
N GLY A 240 -7.85 5.09 -7.23
CA GLY A 240 -9.15 4.49 -7.10
C GLY A 240 -9.01 2.98 -6.94
N ILE A 241 -9.95 2.39 -6.23
CA ILE A 241 -9.97 0.96 -6.06
C ILE A 241 -11.40 0.55 -5.75
N HIS A 242 -11.87 -0.51 -6.42
CA HIS A 242 -13.16 -1.13 -6.11
C HIS A 242 -13.19 -2.46 -6.83
N LYS A 243 -13.84 -2.50 -7.99
CA LYS A 243 -13.87 -3.72 -8.80
C LYS A 243 -12.53 -3.91 -9.51
N LEU A 244 -11.80 -2.80 -9.60
CA LEU A 244 -10.41 -2.77 -10.09
C LEU A 244 -9.43 -2.52 -8.93
N PHE A 245 -8.22 -3.05 -9.06
CA PHE A 245 -7.17 -2.92 -8.04
C PHE A 245 -6.66 -1.46 -8.09
N HIS A 246 -6.36 -0.98 -9.29
CA HIS A 246 -5.90 0.40 -9.48
C HIS A 246 -6.70 1.02 -10.60
N THR A 247 -7.32 2.15 -10.31
CA THR A 247 -8.13 2.84 -11.33
C THR A 247 -8.25 4.33 -10.99
N ALA A 248 -8.97 5.11 -11.80
CA ALA A 248 -9.17 6.54 -11.51
C ALA A 248 -9.81 6.75 -10.12
N PRO A 249 -9.38 7.79 -9.38
CA PRO A 249 -8.39 8.80 -9.72
C PRO A 249 -6.95 8.43 -9.34
N ASN A 250 -6.02 8.96 -10.12
CA ASN A 250 -4.62 8.98 -9.73
C ASN A 250 -4.46 10.05 -8.68
N VAL A 251 -3.85 9.70 -7.55
CA VAL A 251 -3.75 10.64 -6.42
C VAL A 251 -2.30 10.91 -5.99
N PRO A 252 -1.64 11.89 -6.61
CA PRO A 252 -0.26 12.24 -6.24
C PRO A 252 -0.17 12.73 -4.80
N HIS A 253 0.99 12.50 -4.16
CA HIS A 253 1.17 12.90 -2.75
C HIS A 253 2.03 14.17 -2.57
N TYR A 254 2.50 14.74 -3.67
CA TYR A 254 3.39 15.91 -3.65
C TYR A 254 2.64 17.18 -4.07
N ALA A 255 3.21 18.34 -3.72
CA ALA A 255 2.56 19.64 -3.91
C ALA A 255 2.46 20.05 -5.38
N LYS A 256 1.46 20.89 -5.68
CA LYS A 256 1.25 21.44 -7.03
C LYS A 256 1.22 20.41 -8.15
N ASN A 257 0.40 19.38 -7.97
CA ASN A 257 0.30 18.32 -8.95
C ASN A 257 -0.90 18.57 -9.84
N LYS A 258 -0.99 17.84 -10.94
CA LYS A 258 -2.09 18.07 -11.88
C LYS A 258 -3.17 16.98 -11.84
N ALA A 259 -3.41 16.41 -10.65
CA ALA A 259 -4.45 15.39 -10.50
C ALA A 259 -5.79 15.92 -10.99
N VAL A 260 -6.52 15.05 -11.68
CA VAL A 260 -7.81 15.39 -12.26
C VAL A 260 -8.96 14.86 -11.41
N GLY A 261 -9.86 15.75 -11.03
CA GLY A 261 -11.10 15.32 -10.40
C GLY A 261 -11.42 15.98 -9.08
N VAL A 262 -12.68 15.83 -8.69
CA VAL A 262 -13.24 16.40 -7.46
C VAL A 262 -13.98 15.32 -6.64
N MET A 263 -13.70 15.29 -5.34
CA MET A 263 -14.28 14.27 -4.44
C MET A 263 -15.79 14.37 -4.37
N LYS A 264 -16.46 13.22 -4.39
CA LYS A 264 -17.90 13.11 -4.33
C LYS A 264 -18.32 11.96 -3.44
N SER A 265 -19.36 12.16 -2.65
CA SER A 265 -19.92 11.07 -1.86
C SER A 265 -20.12 9.86 -2.77
N GLY A 266 -19.51 8.72 -2.42
CA GLY A 266 -19.58 7.53 -3.27
C GLY A 266 -18.27 7.11 -3.93
N HIS A 267 -17.31 8.04 -3.96
CA HIS A 267 -15.97 7.76 -4.49
C HIS A 267 -15.22 6.89 -3.51
N VAL A 268 -14.42 5.94 -4.03
CA VAL A 268 -13.50 5.15 -3.18
C VAL A 268 -12.09 5.19 -3.77
N PHE A 269 -11.13 5.55 -2.92
CA PHE A 269 -9.75 5.68 -3.37
C PHE A 269 -8.78 5.53 -2.20
N THR A 270 -7.49 5.41 -2.52
CA THR A 270 -6.48 5.31 -1.49
C THR A 270 -5.65 6.58 -1.38
N ILE A 271 -5.07 6.76 -0.20
CA ILE A 271 -4.03 7.75 0.02
C ILE A 271 -2.91 6.90 0.61
N GLU A 272 -1.71 7.00 0.04
CA GLU A 272 -0.63 6.08 0.44
C GLU A 272 0.76 6.72 0.36
N PRO A 273 0.96 7.84 1.11
CA PRO A 273 2.20 8.60 0.88
C PRO A 273 3.48 7.85 1.21
N MET A 274 4.47 7.93 0.30
CA MET A 274 5.82 7.43 0.55
C MET A 274 6.71 8.65 0.78
N ILE A 275 7.37 8.67 1.93
CA ILE A 275 8.13 9.83 2.40
C ILE A 275 9.56 9.37 2.61
N CYS A 276 10.56 10.24 2.35
CA CYS A 276 11.96 9.77 2.38
C CYS A 276 12.85 10.65 3.26
N GLU A 277 13.86 10.03 3.89
CA GLU A 277 14.86 10.72 4.71
C GLU A 277 15.75 11.69 3.93
N GLY A 278 16.07 11.30 2.71
CA GLY A 278 16.92 12.09 1.80
C GLY A 278 16.06 12.62 0.67
N GLY A 279 16.48 12.40 -0.57
CA GLY A 279 15.79 12.93 -1.74
C GLY A 279 14.62 12.05 -2.16
N TRP A 280 13.77 12.58 -3.04
CA TRP A 280 12.52 11.92 -3.46
C TRP A 280 12.71 10.90 -4.60
N GLN A 281 13.85 11.00 -5.29
CA GLN A 281 14.15 10.20 -6.50
C GLN A 281 14.12 8.70 -6.24
N ASP A 282 13.49 7.99 -7.15
CA ASP A 282 13.40 6.54 -7.09
C ASP A 282 13.97 5.86 -8.34
N GLU A 283 14.35 4.62 -8.16
CA GLU A 283 14.70 3.73 -9.27
C GLU A 283 14.30 2.31 -8.90
N THR A 284 14.29 1.46 -9.91
CA THR A 284 13.76 0.11 -9.79
C THR A 284 14.89 -0.90 -9.94
N TRP A 285 14.93 -1.88 -9.04
CA TRP A 285 15.84 -3.02 -9.14
C TRP A 285 15.63 -3.82 -10.42
N PRO A 286 16.66 -4.60 -10.82
CA PRO A 286 16.56 -5.43 -12.00
C PRO A 286 15.39 -6.43 -11.93
N ASP A 287 14.77 -6.62 -10.76
CA ASP A 287 13.61 -7.53 -10.69
C ASP A 287 12.34 -6.95 -11.34
N GLY A 288 12.41 -5.68 -11.76
CA GLY A 288 11.27 -5.02 -12.38
C GLY A 288 10.25 -4.40 -11.43
N TRP A 289 10.42 -4.65 -10.13
CA TRP A 289 9.43 -4.27 -9.10
C TRP A 289 9.96 -3.38 -7.96
N THR A 290 11.08 -3.79 -7.35
CA THR A 290 11.53 -3.15 -6.15
C THR A 290 11.96 -1.71 -6.38
N ALA A 291 11.18 -0.78 -5.81
CA ALA A 291 11.46 0.66 -5.97
C ALA A 291 12.27 1.10 -4.78
N VAL A 292 13.42 1.72 -5.05
CA VAL A 292 14.31 2.11 -3.98
C VAL A 292 14.66 3.59 -4.11
N THR A 293 15.04 4.21 -3.00
CA THR A 293 15.56 5.58 -3.06
C THR A 293 16.90 5.52 -3.81
N ARG A 294 17.11 6.49 -4.70
CA ARG A 294 18.39 6.57 -5.43
C ARG A 294 19.59 6.86 -4.50
N ASP A 295 19.33 7.55 -3.40
CA ASP A 295 20.37 7.84 -2.42
C ASP A 295 20.60 6.80 -1.31
N GLY A 296 19.76 5.74 -1.29
CA GLY A 296 19.92 4.67 -0.31
C GLY A 296 19.45 4.98 1.09
N LYS A 297 18.83 6.15 1.26
CA LYS A 297 18.23 6.53 2.53
C LYS A 297 16.83 5.93 2.69
N ARG A 298 16.32 5.97 3.90
CA ARG A 298 15.13 5.20 4.24
C ARG A 298 13.85 5.91 3.77
N SER A 299 12.83 5.09 3.53
CA SER A 299 11.55 5.58 3.10
C SER A 299 10.48 4.89 3.93
N ALA A 300 9.39 5.58 4.22
CA ALA A 300 8.28 4.96 4.94
C ALA A 300 6.95 5.27 4.27
N GLN A 301 5.95 4.44 4.52
CA GLN A 301 4.65 4.56 3.86
C GLN A 301 3.48 4.08 4.76
N PHE A 302 2.35 4.75 4.62
CA PHE A 302 1.06 4.32 5.25
C PHE A 302 -0.03 4.48 4.21
N GLU A 303 -1.07 3.64 4.30
CA GLU A 303 -2.13 3.61 3.31
C GLU A 303 -3.43 3.20 3.96
N HIS A 304 -4.51 3.92 3.62
CA HIS A 304 -5.87 3.48 3.85
C HIS A 304 -6.66 3.54 2.57
N THR A 305 -7.71 2.73 2.49
CA THR A 305 -8.76 2.84 1.45
C THR A 305 -9.91 3.65 2.08
N LEU A 306 -10.38 4.66 1.34
CA LEU A 306 -11.34 5.67 1.85
C LEU A 306 -12.58 5.68 1.02
N LEU A 307 -13.73 5.84 1.68
CA LEU A 307 -15.00 6.06 1.01
C LEU A 307 -15.49 7.46 1.39
N VAL A 308 -15.70 8.32 0.38
CA VAL A 308 -16.15 9.69 0.63
C VAL A 308 -17.64 9.65 1.01
N THR A 309 -17.98 10.31 2.12
CA THR A 309 -19.36 10.36 2.64
C THR A 309 -19.80 11.82 2.69
N ASP A 310 -21.09 12.05 2.93
CA ASP A 310 -21.58 13.43 3.05
C ASP A 310 -20.85 14.28 4.09
N THR A 311 -20.45 13.66 5.21
CA THR A 311 -19.81 14.40 6.29
C THR A 311 -18.28 14.51 6.14
N GLY A 312 -17.70 13.61 5.34
CA GLY A 312 -16.27 13.56 5.18
C GLY A 312 -15.88 12.26 4.50
N CYS A 313 -15.35 11.33 5.27
CA CYS A 313 -15.03 10.03 4.68
C CYS A 313 -14.95 8.94 5.72
N GLU A 314 -15.22 7.73 5.25
CA GLU A 314 -15.20 6.53 6.05
C GLU A 314 -13.83 5.87 5.79
N ILE A 315 -13.08 5.58 6.85
CA ILE A 315 -11.79 4.88 6.68
C ILE A 315 -12.06 3.37 6.70
N LEU A 316 -12.14 2.79 5.51
CA LEU A 316 -12.66 1.42 5.36
C LEU A 316 -11.70 0.39 5.90
N THR A 317 -10.41 0.73 5.92
CA THR A 317 -9.36 -0.18 6.37
C THR A 317 -8.87 0.13 7.79
N ARG A 318 -9.66 0.86 8.56
CA ARG A 318 -9.25 1.26 9.91
C ARG A 318 -9.12 0.06 10.81
N ARG A 319 -8.27 0.17 11.83
CA ARG A 319 -8.28 -0.80 12.94
C ARG A 319 -9.58 -0.66 13.71
N LEU A 320 -10.11 -1.77 14.21
CA LEU A 320 -11.44 -1.75 14.84
C LEU A 320 -11.37 -1.81 16.37
N ASP A 321 -10.23 -2.25 16.87
CA ASP A 321 -10.07 -2.65 18.27
C ASP A 321 -8.82 -2.00 18.85
N SER A 322 -8.26 -1.04 18.12
CA SER A 322 -7.24 -0.18 18.69
C SER A 322 -7.27 1.15 17.97
N ALA A 323 -7.02 2.20 18.74
CA ALA A 323 -7.06 3.55 18.25
C ALA A 323 -5.89 3.89 17.31
N ARG A 324 -4.80 3.13 17.40
CA ARG A 324 -3.53 3.57 16.83
C ARG A 324 -2.93 2.53 15.88
N PRO A 325 -2.09 2.97 14.91
CA PRO A 325 -1.35 2.00 14.10
C PRO A 325 -0.34 1.21 14.97
N HIS A 326 0.13 0.08 14.46
CA HIS A 326 0.95 -0.83 15.25
C HIS A 326 2.24 -0.22 15.81
N PHE A 327 2.88 0.67 15.04
CA PHE A 327 4.17 1.21 15.45
C PHE A 327 4.10 2.01 16.75
N MET A 328 2.90 2.46 17.13
N MET A 328 2.89 2.46 17.09
CA MET A 328 2.77 3.19 18.40
CA MET A 328 2.63 3.20 18.31
C MET A 328 1.99 2.42 19.48
C MET A 328 2.36 2.22 19.44
N SER A 329 1.54 1.22 19.13
CA SER A 329 0.93 0.28 20.10
C SER A 329 1.98 -0.68 20.65
F3 TFV B . -5.72 5.26 -12.47
C18 TFV B . -4.52 5.04 -11.96
F1 TFV B . -3.75 6.05 -12.35
F2 TFV B . -4.65 5.07 -10.64
C15 TFV B . -3.94 3.73 -12.41
C14 TFV B . -2.61 3.41 -12.14
N6 TFV B . -2.08 2.23 -12.52
C16 TFV B . -4.73 2.78 -13.07
C17 TFV B . -4.15 1.55 -13.46
C13 TFV B . -2.80 1.29 -13.18
N5 TFV B . -2.26 0.09 -13.55
C11 TFV B . -0.84 -0.21 -13.53
C10 TFV B . -0.36 -0.86 -12.23
N4 TFV B . -0.46 0.09 -11.14
C7 TFV B . -0.03 -0.17 -9.88
N3 TFV B . 0.45 -1.39 -9.54
C8 TFV B . -0.09 0.85 -8.95
CL TFV B . -0.74 2.46 -9.38
C9 TFV B . 0.33 0.65 -7.65
C12 TFV B . 0.25 1.77 -6.64
N2 TFV B . 0.78 -0.58 -7.32
C6 TFV B . 0.87 -1.57 -8.26
C5 TFV B . 1.33 -2.90 -7.80
N1 TFV B . 1.23 -3.11 -6.46
C4 TFV B . 1.71 -3.92 -8.66
C3 TFV B . 2.08 -5.13 -8.09
C2 TFV B . 1.99 -5.33 -6.73
C1 TFV B . 1.56 -4.28 -5.91
CO CO C . -2.89 1.21 -2.84
CO CO D . -1.46 -0.89 -1.13
CO CO E . 1.32 -1.18 -5.33
K K F . 10.69 1.19 3.45
C1 GOL G . 13.53 -7.64 2.03
O1 GOL G . 13.30 -8.95 2.48
C2 GOL G . 12.82 -7.45 0.70
O2 GOL G . 11.52 -8.01 0.76
C3 GOL G . 12.85 -5.98 0.30
O3 GOL G . 12.19 -5.16 1.25
#